data_3EXL
#
_entry.id   3EXL
#
_cell.length_a   109.418
_cell.length_b   68.103
_cell.length_c   34.428
_cell.angle_alpha   90.00
_cell.angle_beta   104.18
_cell.angle_gamma   90.00
#
_symmetry.space_group_name_H-M   'C 1 2 1'
#
loop_
_entity.id
_entity.type
_entity.pdbx_description
1 polymer 'mouse p53 core domain'
2 polymer "5'-D(*DGP*DAP*DGP*DCP*DAP*DTP*DGP*DCP*DTP*DCP*DA)-3'"
3 polymer "5'-D(*DTP*DTP*DGP*DAP*DGP*DCP*DAP*DTP*DGP*DCP*DTP*DC)-3'"
4 non-polymer 'CITRATE ANION'
5 non-polymer 'ZINC ION'
6 water water
#
loop_
_entity_poly.entity_id
_entity_poly.type
_entity_poly.pdbx_seq_one_letter_code
_entity_poly.pdbx_strand_id
1 'polypeptide(L)'
;SQKTYQGNYGFHLGFLQSGTAKSVMCTYSPPLNKLFCQLAKTCPVQLWVSATPPAGSRVRAMAIYKKSQHMTEVVRRCPH
HERCSDGDGLAPPQHLIRVEGNLYPEYLEDRQTFRHSVVVPYEPPEAGSEYTTIHYKYMCNSSCMGGMNRRPILTIITLE
DSSGNLLGRDSFEVRVCACPGRDRRTEEENFRKKEVL
;
A
2 'polydeoxyribonucleotide' (DG)(DA)(DG)(DC)(DA)(DT)(DG)(DC)(DT)(DC)(DA) C
3 'polydeoxyribonucleotide' (DT)(DT)(DG)(DA)(DG)(DC)(DA)(DT)(DG)(DC)(DT)(DC) D
#
loop_
_chem_comp.id
_chem_comp.type
_chem_comp.name
_chem_comp.formula
DA DNA linking 2'-DEOXYADENOSINE-5'-MONOPHOSPHATE 'C10 H14 N5 O6 P'
DC DNA linking 2'-DEOXYCYTIDINE-5'-MONOPHOSPHATE 'C9 H14 N3 O7 P'
DG DNA linking 2'-DEOXYGUANOSINE-5'-MONOPHOSPHATE 'C10 H14 N5 O7 P'
DT DNA linking THYMIDINE-5'-MONOPHOSPHATE 'C10 H15 N2 O8 P'
FLC non-polymer 'CITRATE ANION' 'C6 H5 O7 -3'
ZN non-polymer 'ZINC ION' 'Zn 2'
#
# COMPACT_ATOMS: atom_id res chain seq x y z
N GLN A 2 -13.28 5.77 -5.12
CA GLN A 2 -13.65 5.78 -3.69
C GLN A 2 -13.66 4.35 -3.12
N LYS A 3 -14.67 3.57 -3.49
CA LYS A 3 -14.78 2.19 -3.03
C LYS A 3 -14.11 1.30 -4.07
N THR A 4 -14.03 0.01 -3.78
CA THR A 4 -13.43 -0.93 -4.71
C THR A 4 -14.15 -0.77 -6.04
N TYR A 5 -13.39 -0.90 -7.13
CA TYR A 5 -13.94 -0.71 -8.48
C TYR A 5 -13.01 -1.41 -9.48
N GLN A 6 -13.42 -2.58 -9.96
CA GLN A 6 -12.61 -3.33 -10.92
C GLN A 6 -12.56 -2.71 -12.31
N GLY A 7 -13.58 -1.93 -12.65
CA GLY A 7 -13.63 -1.28 -13.95
C GLY A 7 -13.61 -2.25 -15.12
N ASN A 8 -13.48 -1.70 -16.32
CA ASN A 8 -13.47 -2.50 -17.55
C ASN A 8 -12.27 -3.42 -17.74
N TYR A 9 -11.28 -3.32 -16.86
CA TYR A 9 -10.08 -4.16 -16.99
C TYR A 9 -9.96 -5.26 -15.94
N GLY A 10 -11.03 -5.42 -15.15
CA GLY A 10 -11.04 -6.45 -14.11
C GLY A 10 -9.90 -6.30 -13.12
N PHE A 11 -9.54 -5.05 -12.84
CA PHE A 11 -8.44 -4.75 -11.92
C PHE A 11 -8.76 -5.03 -10.45
N HIS A 12 -7.83 -5.72 -9.79
CA HIS A 12 -7.95 -6.01 -8.36
C HIS A 12 -6.60 -6.48 -7.83
N LEU A 13 -6.45 -6.47 -6.51
CA LEU A 13 -5.18 -6.85 -5.91
C LEU A 13 -5.09 -8.32 -5.48
N GLY A 14 -3.86 -8.80 -5.42
CA GLY A 14 -3.59 -10.16 -4.99
C GLY A 14 -2.44 -10.09 -4.00
N PHE A 15 -2.35 -11.05 -3.10
CA PHE A 15 -1.27 -11.02 -2.12
C PHE A 15 -0.49 -12.31 -2.04
N LEU A 16 0.75 -12.18 -1.56
CA LEU A 16 1.67 -13.29 -1.40
C LEU A 16 1.04 -14.48 -0.68
N GLN A 17 1.37 -15.68 -1.15
CA GLN A 17 0.89 -16.94 -0.57
C GLN A 17 1.55 -17.06 0.81
N SER A 18 0.93 -17.81 1.72
CA SER A 18 1.51 -17.98 3.06
C SER A 18 2.60 -19.05 3.04
N GLY A 19 3.32 -19.17 4.16
CA GLY A 19 4.38 -20.16 4.31
C GLY A 19 5.59 -19.93 3.42
N THR A 20 6.10 -18.71 3.40
CA THR A 20 7.23 -18.42 2.53
C THR A 20 8.49 -17.79 3.10
N ALA A 21 8.49 -17.45 4.40
CA ALA A 21 9.65 -16.86 5.05
C ALA A 21 9.56 -15.34 5.01
N LYS A 22 9.07 -14.81 3.88
CA LYS A 22 8.86 -13.38 3.74
C LYS A 22 7.69 -13.07 4.68
N SER A 23 7.00 -14.13 5.09
CA SER A 23 5.85 -14.01 6.00
C SER A 23 6.26 -13.34 7.30
N VAL A 24 7.51 -13.54 7.72
CA VAL A 24 8.00 -12.93 8.95
C VAL A 24 7.90 -11.40 8.89
N MET A 25 8.30 -10.80 7.77
CA MET A 25 8.25 -9.34 7.63
C MET A 25 7.02 -8.84 6.90
N CYS A 26 6.27 -9.74 6.28
CA CYS A 26 5.09 -9.34 5.52
C CYS A 26 4.12 -10.50 5.35
N THR A 27 2.97 -10.39 6.02
CA THR A 27 1.96 -11.44 5.97
C THR A 27 0.55 -10.85 5.85
N TYR A 28 -0.20 -11.37 4.88
CA TYR A 28 -1.55 -10.87 4.60
C TYR A 28 -2.69 -11.72 5.16
N SER A 29 -3.67 -11.05 5.76
CA SER A 29 -4.81 -11.74 6.31
C SER A 29 -6.04 -11.61 5.40
N PRO A 30 -6.40 -12.68 4.69
CA PRO A 30 -7.57 -12.63 3.79
C PRO A 30 -8.86 -12.22 4.49
N PRO A 31 -9.21 -12.88 5.61
CA PRO A 31 -10.45 -12.53 6.31
C PRO A 31 -10.55 -11.06 6.71
N LEU A 32 -9.40 -10.46 7.02
CA LEU A 32 -9.36 -9.06 7.41
C LEU A 32 -9.01 -8.16 6.23
N ASN A 33 -8.50 -8.76 5.15
CA ASN A 33 -8.06 -8.00 3.96
C ASN A 33 -7.13 -6.94 4.54
N LYS A 34 -6.23 -7.40 5.39
CA LYS A 34 -5.29 -6.52 6.05
C LYS A 34 -3.88 -7.07 5.93
N LEU A 35 -2.93 -6.17 5.65
CA LEU A 35 -1.54 -6.56 5.51
C LEU A 35 -0.78 -6.21 6.80
N PHE A 36 -0.01 -7.16 7.31
CA PHE A 36 0.80 -6.95 8.51
C PHE A 36 2.24 -6.99 8.04
N CYS A 37 2.99 -5.93 8.30
CA CYS A 37 4.37 -5.88 7.84
C CYS A 37 5.26 -5.10 8.79
N GLN A 38 6.57 -5.22 8.56
CA GLN A 38 7.55 -4.52 9.36
C GLN A 38 8.05 -3.29 8.60
N LEU A 39 8.42 -2.26 9.36
CA LEU A 39 8.92 -1.01 8.80
C LEU A 39 10.09 -1.24 7.85
N ALA A 40 10.01 -0.57 6.69
CA ALA A 40 11.05 -0.63 5.68
C ALA A 40 11.31 -2.00 5.05
N LYS A 41 10.34 -2.90 5.14
CA LYS A 41 10.51 -4.21 4.52
C LYS A 41 9.67 -4.22 3.26
N THR A 42 10.22 -4.75 2.18
CA THR A 42 9.50 -4.79 0.91
C THR A 42 8.28 -5.70 0.96
N CYS A 43 7.14 -5.17 0.52
CA CYS A 43 5.90 -5.92 0.50
C CYS A 43 5.45 -6.13 -0.94
N PRO A 44 5.41 -7.39 -1.40
CA PRO A 44 4.98 -7.62 -2.79
C PRO A 44 3.47 -7.55 -2.92
N VAL A 45 2.98 -6.65 -3.77
CA VAL A 45 1.55 -6.52 -4.02
C VAL A 45 1.33 -6.95 -5.47
N GLN A 46 0.31 -7.77 -5.69
CA GLN A 46 0.05 -8.24 -7.05
C GLN A 46 -1.08 -7.44 -7.69
N LEU A 47 -0.91 -7.13 -8.96
CA LEU A 47 -1.91 -6.39 -9.73
C LEU A 47 -2.51 -7.37 -10.72
N TRP A 48 -3.82 -7.53 -10.68
CA TRP A 48 -4.48 -8.45 -11.61
C TRP A 48 -5.44 -7.71 -12.55
N VAL A 49 -5.28 -7.93 -13.85
CA VAL A 49 -6.18 -7.32 -14.83
C VAL A 49 -6.62 -8.45 -15.76
N SER A 50 -7.83 -8.37 -16.27
CA SER A 50 -8.33 -9.41 -17.19
C SER A 50 -8.22 -8.92 -18.64
N ALA A 51 -7.75 -7.69 -18.80
CA ALA A 51 -7.57 -7.10 -20.11
C ALA A 51 -6.42 -6.10 -20.02
N THR A 52 -5.62 -6.02 -21.08
CA THR A 52 -4.49 -5.11 -21.12
C THR A 52 -4.90 -3.65 -21.04
N PRO A 53 -4.39 -2.92 -20.03
CA PRO A 53 -4.71 -1.50 -19.84
C PRO A 53 -4.20 -0.72 -21.05
N PRO A 54 -4.82 0.43 -21.35
CA PRO A 54 -4.36 1.22 -22.50
C PRO A 54 -2.93 1.74 -22.31
N ALA A 55 -2.25 2.00 -23.42
CA ALA A 55 -0.88 2.50 -23.42
C ALA A 55 -0.67 3.69 -22.49
N GLY A 56 0.38 3.64 -21.68
CA GLY A 56 0.67 4.74 -20.79
C GLY A 56 -0.10 4.69 -19.49
N SER A 57 -0.70 3.55 -19.17
CA SER A 57 -1.45 3.44 -17.93
C SER A 57 -0.48 3.44 -16.74
N ARG A 58 -0.94 3.96 -15.60
CA ARG A 58 -0.10 4.06 -14.41
C ARG A 58 -0.76 3.46 -13.17
N VAL A 59 0.04 3.22 -12.14
CA VAL A 59 -0.43 2.65 -10.88
C VAL A 59 -0.04 3.55 -9.71
N ARG A 60 -1.04 4.05 -8.99
CA ARG A 60 -0.81 4.93 -7.86
C ARG A 60 -1.10 4.24 -6.55
N ALA A 61 -0.32 4.60 -5.52
CA ALA A 61 -0.50 4.05 -4.18
C ALA A 61 -0.62 5.23 -3.23
N MET A 62 -1.64 5.23 -2.39
CA MET A 62 -1.84 6.32 -1.44
C MET A 62 -2.30 5.77 -0.10
N ALA A 63 -1.96 6.46 0.98
CA ALA A 63 -2.34 6.04 2.32
C ALA A 63 -3.33 7.03 2.95
N ILE A 64 -4.43 6.50 3.49
CA ILE A 64 -5.43 7.33 4.13
C ILE A 64 -5.79 6.68 5.45
N TYR A 65 -6.28 7.46 6.40
CA TYR A 65 -6.67 6.86 7.68
C TYR A 65 -8.01 6.17 7.45
N LYS A 66 -8.17 4.99 8.05
CA LYS A 66 -9.38 4.20 7.90
C LYS A 66 -10.63 4.81 8.54
N LYS A 67 -10.50 5.29 9.77
CA LYS A 67 -11.61 5.88 10.51
C LYS A 67 -11.99 7.28 10.02
N SER A 68 -13.29 7.55 9.88
CA SER A 68 -13.76 8.85 9.44
C SER A 68 -13.33 9.96 10.40
N GLN A 69 -13.01 9.59 11.63
CA GLN A 69 -12.56 10.55 12.64
C GLN A 69 -11.21 11.16 12.25
N HIS A 70 -10.43 10.45 11.43
CA HIS A 70 -9.12 10.94 11.03
C HIS A 70 -8.96 11.00 9.52
N MET A 71 -10.00 10.55 8.82
N MET A 71 -9.99 10.53 8.81
CA MET A 71 -10.06 10.51 7.36
CA MET A 71 -10.01 10.51 7.35
C MET A 71 -9.38 11.72 6.70
C MET A 71 -9.35 11.72 6.71
N THR A 72 -9.74 12.92 7.14
CA THR A 72 -9.18 14.14 6.55
C THR A 72 -7.69 14.40 6.84
N GLU A 73 -7.13 13.77 7.88
CA GLU A 73 -5.72 14.01 8.20
C GLU A 73 -4.77 13.31 7.21
N VAL A 74 -3.85 14.08 6.65
CA VAL A 74 -2.88 13.52 5.71
C VAL A 74 -1.98 12.54 6.42
N VAL A 75 -1.77 11.37 5.81
CA VAL A 75 -0.91 10.35 6.41
C VAL A 75 0.52 10.65 6.01
N ARG A 76 1.37 10.89 7.01
CA ARG A 76 2.78 11.19 6.75
C ARG A 76 3.65 10.53 7.82
N ARG A 77 4.96 10.52 7.60
CA ARG A 77 5.86 9.91 8.57
C ARG A 77 5.90 10.75 9.84
N CYS A 78 6.28 10.12 10.96
CA CYS A 78 6.36 10.85 12.21
C CYS A 78 7.58 11.77 12.19
N PRO A 79 7.60 12.79 13.06
CA PRO A 79 8.74 13.71 13.10
C PRO A 79 10.09 13.04 13.24
N HIS A 80 10.15 11.91 13.96
CA HIS A 80 11.44 11.24 14.14
C HIS A 80 11.97 10.59 12.87
N HIS A 81 11.16 9.75 12.24
CA HIS A 81 11.60 9.07 11.03
C HIS A 81 11.78 10.01 9.85
N GLU A 82 11.09 11.14 9.87
CA GLU A 82 11.21 12.10 8.79
C GLU A 82 12.62 12.69 8.77
N ARG A 83 13.32 12.59 9.90
CA ARG A 83 14.68 13.12 10.01
C ARG A 83 15.73 12.02 10.05
N CYS A 84 15.28 10.77 10.11
CA CYS A 84 16.19 9.62 10.20
C CYS A 84 17.27 9.49 9.12
N SER A 85 17.09 10.16 7.99
CA SER A 85 18.08 10.07 6.93
C SER A 85 18.22 8.63 6.43
N ASP A 86 17.09 8.00 6.12
CA ASP A 86 17.06 6.64 5.61
C ASP A 86 16.60 6.73 4.16
N GLY A 87 16.78 7.91 3.57
CA GLY A 87 16.37 8.14 2.20
C GLY A 87 17.03 7.23 1.20
N ASP A 88 16.35 7.03 0.07
CA ASP A 88 16.87 6.18 -0.99
C ASP A 88 17.29 7.08 -2.15
N GLY A 89 17.18 8.39 -1.94
CA GLY A 89 17.55 9.34 -2.96
C GLY A 89 16.39 9.68 -3.91
N LEU A 90 15.24 9.07 -3.70
CA LEU A 90 14.08 9.34 -4.56
C LEU A 90 12.83 9.72 -3.76
N ALA A 91 12.54 8.94 -2.73
CA ALA A 91 11.37 9.21 -1.91
C ALA A 91 11.64 10.37 -0.96
N PRO A 92 10.75 11.36 -0.95
CA PRO A 92 10.95 12.50 -0.05
C PRO A 92 10.90 11.92 1.37
N PRO A 93 11.63 12.54 2.32
CA PRO A 93 11.65 12.06 3.70
C PRO A 93 10.32 11.97 4.46
N GLN A 94 9.32 12.74 4.06
CA GLN A 94 8.04 12.72 4.75
C GLN A 94 7.04 11.67 4.26
N HIS A 95 7.30 11.06 3.10
CA HIS A 95 6.38 10.04 2.56
C HIS A 95 6.42 8.71 3.30
N LEU A 96 5.25 8.20 3.65
CA LEU A 96 5.14 6.92 4.34
C LEU A 96 5.44 5.76 3.41
N ILE A 97 4.84 5.79 2.23
CA ILE A 97 4.99 4.71 1.26
C ILE A 97 6.05 4.97 0.19
N ARG A 98 6.88 3.97 -0.05
CA ARG A 98 7.92 4.04 -1.06
C ARG A 98 7.80 2.82 -1.96
N VAL A 99 8.19 2.97 -3.21
CA VAL A 99 8.19 1.87 -4.16
C VAL A 99 9.63 1.39 -4.22
N GLU A 100 9.80 0.08 -4.32
CA GLU A 100 11.13 -0.50 -4.38
C GLU A 100 11.31 -1.25 -5.69
N GLY A 101 12.46 -1.07 -6.33
CA GLY A 101 12.71 -1.76 -7.58
C GLY A 101 12.45 -0.94 -8.83
N ASN A 102 12.12 0.33 -8.67
CA ASN A 102 11.87 1.19 -9.82
C ASN A 102 12.74 2.43 -9.73
N LEU A 103 13.54 2.67 -10.76
CA LEU A 103 14.42 3.83 -10.74
C LEU A 103 13.74 5.13 -11.17
N TYR A 104 12.48 5.08 -11.57
CA TYR A 104 11.77 6.29 -11.99
C TYR A 104 10.36 6.49 -11.42
N PRO A 105 10.23 6.42 -10.09
CA PRO A 105 8.90 6.61 -9.50
C PRO A 105 8.62 8.12 -9.36
N GLU A 106 7.35 8.48 -9.29
CA GLU A 106 6.98 9.88 -9.13
C GLU A 106 6.35 10.00 -7.74
N TYR A 107 6.94 10.83 -6.89
CA TYR A 107 6.41 11.04 -5.56
C TYR A 107 5.69 12.36 -5.60
N LEU A 108 4.39 12.31 -5.35
CA LEU A 108 3.57 13.51 -5.44
C LEU A 108 2.85 13.96 -4.18
N GLU A 109 2.43 15.22 -4.23
CA GLU A 109 1.69 15.86 -3.16
C GLU A 109 0.57 16.60 -3.86
N ASP A 110 -0.66 16.20 -3.57
CA ASP A 110 -1.83 16.82 -4.17
C ASP A 110 -1.96 18.29 -3.77
N ARG A 111 -2.14 19.15 -4.77
CA ARG A 111 -2.27 20.59 -4.56
C ARG A 111 -3.39 21.03 -3.62
N GLN A 112 -4.50 20.28 -3.60
CA GLN A 112 -5.62 20.64 -2.74
C GLN A 112 -5.68 19.88 -1.41
N THR A 113 -5.52 18.56 -1.46
CA THR A 113 -5.59 17.74 -0.26
C THR A 113 -4.25 17.61 0.45
N PHE A 114 -3.16 17.84 -0.29
CA PHE A 114 -1.80 17.74 0.24
C PHE A 114 -1.42 16.29 0.58
N ARG A 115 -2.21 15.34 0.10
CA ARG A 115 -1.92 13.94 0.36
C ARG A 115 -0.76 13.44 -0.50
N HIS A 116 0.02 12.52 0.05
CA HIS A 116 1.14 11.95 -0.68
C HIS A 116 0.67 10.73 -1.47
N SER A 117 1.40 10.44 -2.53
CA SER A 117 1.12 9.26 -3.32
C SER A 117 2.36 9.00 -4.13
N VAL A 118 2.49 7.77 -4.60
CA VAL A 118 3.63 7.41 -5.43
C VAL A 118 3.08 6.71 -6.65
N VAL A 119 3.51 7.18 -7.82
CA VAL A 119 3.07 6.64 -9.09
C VAL A 119 4.20 5.96 -9.85
N VAL A 120 3.84 4.84 -10.45
CA VAL A 120 4.77 4.06 -11.25
C VAL A 120 4.04 3.62 -12.52
N PRO A 121 4.77 3.48 -13.63
CA PRO A 121 4.11 3.05 -14.87
C PRO A 121 3.49 1.68 -14.70
N TYR A 122 2.33 1.44 -15.31
CA TYR A 122 1.73 0.12 -15.22
C TYR A 122 2.55 -0.82 -16.08
N GLU A 123 2.89 -1.98 -15.54
CA GLU A 123 3.67 -2.98 -16.28
C GLU A 123 2.85 -4.25 -16.37
N PRO A 124 2.84 -4.90 -17.55
CA PRO A 124 2.08 -6.14 -17.73
C PRO A 124 2.83 -7.32 -17.11
N PRO A 125 2.12 -8.43 -16.86
CA PRO A 125 2.76 -9.61 -16.27
C PRO A 125 3.86 -10.20 -17.16
N GLU A 126 4.77 -10.93 -16.55
CA GLU A 126 5.83 -11.58 -17.30
C GLU A 126 5.15 -12.72 -18.07
N ALA A 127 5.79 -13.20 -19.13
CA ALA A 127 5.22 -14.28 -19.91
C ALA A 127 4.87 -15.47 -19.01
N GLY A 128 3.64 -15.95 -19.13
CA GLY A 128 3.20 -17.07 -18.33
C GLY A 128 2.77 -16.71 -16.93
N SER A 129 2.62 -15.41 -16.66
CA SER A 129 2.20 -14.95 -15.35
C SER A 129 0.83 -14.27 -15.49
N GLU A 130 -0.02 -14.44 -14.49
CA GLU A 130 -1.35 -13.84 -14.54
C GLU A 130 -1.41 -12.49 -13.84
N TYR A 131 -0.30 -12.11 -13.19
CA TYR A 131 -0.27 -10.86 -12.46
C TYR A 131 1.09 -10.18 -12.45
N THR A 132 1.09 -8.89 -12.16
CA THR A 132 2.32 -8.12 -12.09
C THR A 132 2.55 -7.76 -10.62
N THR A 133 3.80 -7.86 -10.17
CA THR A 133 4.11 -7.56 -8.77
C THR A 133 4.85 -6.25 -8.55
N ILE A 134 4.31 -5.41 -7.67
CA ILE A 134 4.94 -4.14 -7.34
C ILE A 134 5.38 -4.26 -5.88
N HIS A 135 6.56 -3.74 -5.56
CA HIS A 135 7.05 -3.80 -4.18
C HIS A 135 6.93 -2.47 -3.46
N TYR A 136 6.19 -2.47 -2.35
CA TYR A 136 6.01 -1.25 -1.56
C TYR A 136 6.69 -1.42 -0.19
N LYS A 137 6.99 -0.30 0.45
CA LYS A 137 7.62 -0.29 1.76
C LYS A 137 6.97 0.81 2.57
N TYR A 138 6.71 0.53 3.85
CA TYR A 138 6.11 1.53 4.72
C TYR A 138 7.21 2.04 5.68
N MET A 139 7.42 3.35 5.68
CA MET A 139 8.50 3.93 6.49
C MET A 139 8.24 4.41 7.91
N CYS A 140 7.15 3.94 8.51
CA CYS A 140 6.79 4.24 9.90
C CYS A 140 5.95 3.09 10.41
N ASN A 141 5.92 2.91 11.72
CA ASN A 141 5.10 1.88 12.34
C ASN A 141 3.76 2.57 12.56
N SER A 142 2.69 1.77 12.63
CA SER A 142 1.36 2.30 12.85
C SER A 142 1.32 3.01 14.20
N SER A 143 2.10 2.53 15.15
CA SER A 143 2.12 3.12 16.48
C SER A 143 3.00 4.37 16.64
N CYS A 144 3.70 4.77 15.58
CA CYS A 144 4.57 5.94 15.66
C CYS A 144 3.94 7.22 16.20
N MET A 145 4.51 7.66 17.31
CA MET A 145 4.09 8.86 18.01
C MET A 145 4.27 10.09 17.11
N GLY A 146 3.25 10.93 17.02
CA GLY A 146 3.34 12.11 16.18
C GLY A 146 3.14 11.75 14.72
N GLY A 147 2.90 10.47 14.46
CA GLY A 147 2.66 10.01 13.10
C GLY A 147 1.29 9.35 13.08
N MET A 148 1.20 8.13 12.55
CA MET A 148 -0.08 7.43 12.49
C MET A 148 -0.60 7.22 13.90
N ASN A 149 0.32 7.27 14.87
CA ASN A 149 0.01 7.16 16.29
C ASN A 149 -1.08 6.13 16.64
N ARG A 150 -0.87 4.91 16.18
CA ARG A 150 -1.77 3.78 16.42
C ARG A 150 -3.12 3.83 15.69
N ARG A 151 -3.24 4.74 14.72
CA ARG A 151 -4.47 4.85 13.93
C ARG A 151 -4.33 3.97 12.68
N PRO A 152 -5.25 3.01 12.49
CA PRO A 152 -5.17 2.15 11.31
C PRO A 152 -5.31 2.95 10.01
N ILE A 153 -4.62 2.51 8.98
CA ILE A 153 -4.71 3.17 7.69
C ILE A 153 -5.10 2.17 6.61
N LEU A 154 -5.44 2.71 5.45
CA LEU A 154 -5.81 1.92 4.30
C LEU A 154 -4.87 2.35 3.18
N THR A 155 -4.37 1.39 2.42
CA THR A 155 -3.52 1.71 1.29
C THR A 155 -4.46 1.59 0.09
N ILE A 156 -4.56 2.66 -0.69
CA ILE A 156 -5.41 2.66 -1.87
C ILE A 156 -4.57 2.53 -3.13
N ILE A 157 -4.82 1.47 -3.89
CA ILE A 157 -4.10 1.25 -5.14
C ILE A 157 -5.05 1.59 -6.27
N THR A 158 -4.60 2.40 -7.22
CA THR A 158 -5.46 2.81 -8.32
C THR A 158 -4.77 2.68 -9.68
N LEU A 159 -5.51 2.17 -10.66
CA LEU A 159 -5.01 2.03 -12.03
C LEU A 159 -5.60 3.22 -12.78
N GLU A 160 -4.73 4.05 -13.35
CA GLU A 160 -5.15 5.23 -14.10
C GLU A 160 -4.55 5.23 -15.50
N ASP A 161 -5.21 5.89 -16.44
CA ASP A 161 -4.67 5.96 -17.79
C ASP A 161 -3.65 7.10 -17.81
N SER A 162 -3.02 7.31 -18.96
CA SER A 162 -2.01 8.37 -19.09
C SER A 162 -2.47 9.77 -18.74
N SER A 163 -3.78 10.02 -18.82
CA SER A 163 -4.33 11.34 -18.52
C SER A 163 -4.80 11.48 -17.07
N GLY A 164 -4.64 10.43 -16.28
CA GLY A 164 -5.07 10.51 -14.89
C GLY A 164 -6.48 10.00 -14.62
N ASN A 165 -7.21 9.60 -15.66
CA ASN A 165 -8.56 9.09 -15.45
C ASN A 165 -8.50 7.76 -14.71
N LEU A 166 -9.44 7.57 -13.79
CA LEU A 166 -9.50 6.35 -13.00
C LEU A 166 -9.98 5.17 -13.85
N LEU A 167 -9.19 4.10 -13.86
CA LEU A 167 -9.54 2.90 -14.61
C LEU A 167 -10.02 1.81 -13.66
N GLY A 168 -9.37 1.74 -12.50
CA GLY A 168 -9.72 0.75 -11.49
C GLY A 168 -9.14 1.15 -10.15
N ARG A 169 -9.66 0.57 -9.08
CA ARG A 169 -9.19 0.88 -7.73
C ARG A 169 -9.50 -0.24 -6.76
N ASP A 170 -8.54 -0.55 -5.91
CA ASP A 170 -8.73 -1.58 -4.89
C ASP A 170 -8.02 -1.07 -3.65
N SER A 171 -8.21 -1.75 -2.51
CA SER A 171 -7.56 -1.31 -1.29
C SER A 171 -7.46 -2.41 -0.24
N PHE A 172 -6.61 -2.17 0.74
CA PHE A 172 -6.41 -3.11 1.83
C PHE A 172 -5.93 -2.34 3.06
N GLU A 173 -6.20 -2.91 4.23
CA GLU A 173 -5.78 -2.28 5.47
C GLU A 173 -4.32 -2.65 5.69
N VAL A 174 -3.60 -1.82 6.43
CA VAL A 174 -2.22 -2.13 6.71
C VAL A 174 -1.84 -1.76 8.12
N ARG A 175 -1.05 -2.62 8.75
CA ARG A 175 -0.56 -2.40 10.09
C ARG A 175 0.94 -2.61 10.04
N VAL A 176 1.70 -1.56 10.30
CA VAL A 176 3.15 -1.67 10.30
C VAL A 176 3.54 -1.89 11.75
N CYS A 177 4.16 -3.02 12.05
CA CYS A 177 4.54 -3.35 13.42
C CYS A 177 5.82 -4.17 13.55
N ALA A 178 6.22 -4.43 14.79
CA ALA A 178 7.42 -5.21 15.04
C ALA A 178 7.23 -6.70 14.80
N CYS A 179 6.06 -7.22 15.17
CA CYS A 179 5.78 -8.65 14.98
C CYS A 179 4.50 -8.94 14.20
N PRO A 180 4.55 -8.85 12.86
CA PRO A 180 3.39 -9.10 12.00
C PRO A 180 2.68 -10.41 12.29
N GLY A 181 3.45 -11.48 12.40
CA GLY A 181 2.90 -12.79 12.69
C GLY A 181 2.07 -12.81 13.96
N ARG A 182 2.67 -12.33 15.07
CA ARG A 182 1.99 -12.28 16.36
C ARG A 182 0.74 -11.41 16.31
N ASP A 183 0.88 -10.20 15.78
CA ASP A 183 -0.25 -9.28 15.72
C ASP A 183 -1.35 -9.77 14.80
N ARG A 184 -0.97 -10.38 13.68
CA ARG A 184 -1.98 -10.90 12.76
C ARG A 184 -2.82 -11.97 13.48
N ARG A 185 -2.16 -12.86 14.23
CA ARG A 185 -2.90 -13.90 14.94
C ARG A 185 -3.90 -13.27 15.89
N THR A 186 -3.43 -12.26 16.63
CA THR A 186 -4.29 -11.55 17.57
C THR A 186 -5.57 -11.01 16.95
N GLU A 187 -5.46 -10.30 15.83
CA GLU A 187 -6.66 -9.74 15.20
C GLU A 187 -7.53 -10.79 14.52
N GLU A 188 -6.91 -11.91 14.13
CA GLU A 188 -7.64 -12.97 13.47
C GLU A 188 -8.47 -13.83 14.42
N GLU A 189 -7.90 -14.19 15.57
CA GLU A 189 -8.67 -15.00 16.52
C GLU A 189 -9.74 -14.14 17.16
N ASN A 190 -9.52 -12.83 17.22
CA ASN A 190 -10.49 -11.92 17.78
C ASN A 190 -11.69 -11.94 16.83
N PHE A 191 -11.41 -11.73 15.55
CA PHE A 191 -12.42 -11.73 14.51
C PHE A 191 -13.13 -13.08 14.46
N ARG A 192 -12.35 -14.15 14.58
CA ARG A 192 -12.91 -15.50 14.53
C ARG A 192 -13.88 -15.76 15.68
N LYS A 193 -13.69 -15.01 16.77
CA LYS A 193 -14.55 -15.15 17.95
C LYS A 193 -16.03 -14.92 17.63
N LYS A 194 -16.30 -14.29 16.49
CA LYS A 194 -17.67 -13.99 16.09
C LYS A 194 -18.18 -14.96 15.03
N GLU A 195 -17.26 -15.65 14.35
CA GLU A 195 -17.62 -16.60 13.31
C GLU A 195 -18.26 -17.87 13.89
CAC FLC D . 7.70 -14.60 -2.07
CA FLC D . 8.85 -14.02 -1.25
CB FLC D . 9.80 -13.07 -2.02
CBC FLC D . 9.05 -11.81 -2.51
CG FLC D . 10.90 -12.66 -1.02
CGC FLC D . 11.97 -11.77 -1.61
OA1 FLC D . 7.55 -14.33 -3.26
OA2 FLC D . 6.92 -15.35 -1.53
OB1 FLC D . 9.02 -11.51 -3.75
OB2 FLC D . 8.47 -11.03 -1.67
OG1 FLC D . 11.95 -11.41 -2.78
OG2 FLC D . 12.87 -11.40 -0.89
OHB FLC D . 10.38 -13.77 -3.12
ZN ZN E . 7.77 6.88 12.53
#